data_3S6I
#
_entry.id   3S6I
#
_cell.length_a   54.317
_cell.length_b   112.298
_cell.length_c   61.113
_cell.angle_alpha   90.00
_cell.angle_beta   99.55
_cell.angle_gamma   90.00
#
_symmetry.space_group_name_H-M   'P 1 21 1'
#
loop_
_entity.id
_entity.type
_entity.pdbx_description
1 polymer 'DNA-3-methyladenine glycosylase 1'
2 polymer "(5'-D(*TP*GP*TP*CP*CP*AP*(3DR)P*GP*TP*CP*T)-3')"
3 polymer "(5'-D(*AP*AP*GP*AP*CP*TP*TP*GP*GP*AP*C)-3')"
4 non-polymer 'SODIUM ION'
5 water water
#
loop_
_entity_poly.entity_id
_entity_poly.type
_entity_poly.pdbx_seq_one_letter_code
_entity_poly.pdbx_strand_id
1 'polypeptide(L)'
;MTLDIEEKEEIVTSLTKAEIHLSGLDENWKRLVKLVGNYRPNRSMEKKEPYEELIRAVASQQLHSKAANAIFNRFKSISN
NGQFPTPEEIRDMDFEIMRACGFSARKIDSLKSIAEATISGLIPTKEEAERLSNEELIERLTQIKGIGRWTVEMLLIFSL
NRDDVMPADDLSIRNGYRYLHRLPKIPTKMYVLKHSEICAPFRTAAAWYLWKTSKLADYTKPVRPKKH
;
A,D
2 'polydeoxyribonucleotide' (DT)(DG)(DT)(DC)(DC)(DA)(3DR)(DG)(DT)(DC)(DT) B,E
3 'polydeoxyribonucleotide' (DA)(DA)(DG)(DA)(DC)(DT)(DT)(DG)(DG)(DA)(DC) C,F
#
# COMPACT_ATOMS: atom_id res chain seq x y z
N THR A 16 -12.85 -6.51 34.47
CA THR A 16 -11.58 -6.32 35.17
C THR A 16 -11.64 -5.06 36.03
N LYS A 17 -10.63 -4.92 36.89
CA LYS A 17 -10.49 -3.73 37.73
C LYS A 17 -10.10 -2.51 36.88
N ALA A 18 -9.41 -2.76 35.78
CA ALA A 18 -8.99 -1.71 34.86
C ALA A 18 -10.17 -0.98 34.19
N GLU A 19 -11.14 -1.72 33.68
CA GLU A 19 -12.34 -1.12 33.09
C GLU A 19 -13.09 -0.35 34.14
N ILE A 20 -13.13 -0.92 35.34
CA ILE A 20 -13.88 -0.28 36.42
C ILE A 20 -13.22 1.05 36.75
N HIS A 21 -11.91 1.03 36.93
CA HIS A 21 -11.18 2.25 37.21
C HIS A 21 -11.39 3.28 36.10
N LEU A 22 -11.22 2.86 34.84
CA LEU A 22 -11.34 3.77 33.71
C LEU A 22 -12.75 4.31 33.50
N SER A 23 -13.77 3.49 33.74
CA SER A 23 -15.15 3.99 33.63
C SER A 23 -15.40 5.17 34.56
N GLY A 24 -14.84 5.11 35.76
CA GLY A 24 -15.12 6.09 36.79
C GLY A 24 -14.33 7.39 36.70
N LEU A 25 -13.57 7.57 35.63
CA LEU A 25 -12.75 8.78 35.51
C LEU A 25 -13.60 10.03 35.27
N ASP A 26 -14.23 10.07 34.10
CA ASP A 26 -15.10 11.17 33.70
C ASP A 26 -16.09 10.65 32.68
N GLU A 27 -16.92 11.53 32.15
CA GLU A 27 -18.01 11.13 31.27
C GLU A 27 -17.50 10.49 29.97
N ASN A 28 -16.51 11.13 29.34
CA ASN A 28 -15.92 10.61 28.11
C ASN A 28 -15.41 9.17 28.22
N TRP A 29 -14.79 8.84 29.35
CA TRP A 29 -14.20 7.53 29.56
C TRP A 29 -15.28 6.47 29.79
N LYS A 30 -16.13 6.72 30.76
CA LYS A 30 -17.25 5.84 31.06
C LYS A 30 -17.95 5.47 29.78
N ARG A 31 -18.07 6.46 28.89
CA ARG A 31 -18.71 6.32 27.60
C ARG A 31 -17.88 5.54 26.57
N LEU A 32 -16.59 5.85 26.48
CA LEU A 32 -15.71 5.13 25.56
C LEU A 32 -15.63 3.66 25.95
N VAL A 33 -15.53 3.41 27.25
CA VAL A 33 -15.39 2.05 27.76
C VAL A 33 -16.65 1.21 27.53
N LYS A 34 -17.80 1.85 27.53
CA LYS A 34 -19.05 1.17 27.24
C LYS A 34 -19.20 0.92 25.74
N LEU A 35 -18.88 1.93 24.94
CA LEU A 35 -18.83 1.76 23.49
C LEU A 35 -17.97 0.55 23.10
N VAL A 36 -16.77 0.47 23.66
CA VAL A 36 -15.81 -0.56 23.26
C VAL A 36 -16.07 -1.90 23.92
N GLY A 37 -16.54 -1.90 25.16
CA GLY A 37 -16.82 -3.14 25.84
C GLY A 37 -15.69 -3.64 26.71
N ASN A 38 -15.68 -4.94 26.98
CA ASN A 38 -14.70 -5.55 27.88
C ASN A 38 -13.24 -5.40 27.42
N TYR A 39 -12.32 -5.33 28.38
CA TYR A 39 -10.89 -5.22 28.11
C TYR A 39 -10.34 -6.57 27.63
N ARG A 40 -10.14 -6.71 26.32
CA ARG A 40 -9.65 -7.97 25.75
C ARG A 40 -8.36 -7.74 24.97
N PRO A 41 -7.25 -7.53 25.68
CA PRO A 41 -5.98 -7.17 25.07
C PRO A 41 -5.46 -8.28 24.16
N ASN A 42 -4.76 -7.92 23.10
CA ASN A 42 -4.10 -8.88 22.22
C ASN A 42 -2.88 -9.43 22.92
N ARG A 43 -2.92 -10.70 23.33
CA ARG A 43 -1.77 -11.30 24.02
C ARG A 43 -0.97 -12.24 23.13
N SER A 44 -1.05 -12.04 21.83
CA SER A 44 -0.40 -12.95 20.90
C SER A 44 1.14 -13.00 21.04
N MET A 45 1.74 -11.99 21.68
CA MET A 45 3.21 -11.93 21.82
C MET A 45 3.73 -12.27 23.22
N GLU A 46 2.85 -12.65 24.14
CA GLU A 46 3.25 -12.75 25.55
C GLU A 46 4.13 -13.94 25.92
N LYS A 47 4.36 -14.85 24.98
CA LYS A 47 5.22 -15.98 25.25
C LYS A 47 6.44 -15.93 24.35
N LYS A 48 6.54 -14.87 23.56
CA LYS A 48 7.66 -14.73 22.64
C LYS A 48 8.87 -14.10 23.35
N GLU A 49 10.06 -14.32 22.77
CA GLU A 49 11.27 -13.68 23.25
C GLU A 49 11.30 -12.19 22.93
N PRO A 50 11.87 -11.39 23.82
CA PRO A 50 11.96 -9.94 23.59
C PRO A 50 12.44 -9.53 22.20
N TYR A 51 13.46 -10.18 21.65
CA TYR A 51 13.97 -9.74 20.34
C TYR A 51 12.89 -9.85 19.25
N GLU A 52 12.05 -10.88 19.35
CA GLU A 52 10.98 -11.08 18.37
C GLU A 52 9.93 -9.97 18.43
N GLU A 53 9.45 -9.66 19.64
CA GLU A 53 8.54 -8.50 19.81
C GLU A 53 9.22 -7.18 19.42
N LEU A 54 10.47 -6.99 19.83
CA LEU A 54 11.23 -5.78 19.41
C LEU A 54 11.28 -5.59 17.87
N ILE A 55 11.50 -6.68 17.15
CA ILE A 55 11.46 -6.63 15.68
C ILE A 55 10.05 -6.29 15.14
N ARG A 56 9.02 -6.87 15.74
CA ARG A 56 7.66 -6.53 15.32
C ARG A 56 7.38 -5.04 15.56
N ALA A 57 7.82 -4.52 16.68
CA ALA A 57 7.72 -3.09 16.95
C ALA A 57 8.47 -2.26 15.90
N VAL A 58 9.68 -2.68 15.55
CA VAL A 58 10.41 -1.99 14.48
C VAL A 58 9.60 -2.01 13.17
N ALA A 59 9.06 -3.18 12.82
CA ALA A 59 8.21 -3.27 11.63
C ALA A 59 7.03 -2.30 11.72
N SER A 60 6.53 -2.08 12.93
CA SER A 60 5.33 -1.27 13.13
C SER A 60 5.58 0.22 13.31
N GLN A 61 6.84 0.63 13.28
CA GLN A 61 7.17 2.05 13.41
C GLN A 61 6.65 2.84 12.24
N GLN A 62 5.91 3.91 12.52
CA GLN A 62 5.52 4.87 11.48
C GLN A 62 4.37 4.48 10.55
N LEU A 63 4.47 3.32 9.91
CA LEU A 63 3.49 2.89 8.91
C LEU A 63 2.13 2.53 9.51
N HIS A 64 1.08 2.49 8.69
CA HIS A 64 -0.22 1.99 9.17
C HIS A 64 -0.11 0.50 9.41
N SER A 65 -1.03 -0.06 10.19
CA SER A 65 -0.91 -1.44 10.64
C SER A 65 -0.88 -2.48 9.52
N LYS A 66 -1.62 -2.24 8.44
CA LYS A 66 -1.67 -3.19 7.34
C LYS A 66 -0.31 -3.34 6.67
N ALA A 67 0.37 -2.21 6.49
CA ALA A 67 1.72 -2.22 5.93
C ALA A 67 2.72 -2.86 6.88
N ALA A 68 2.64 -2.47 8.15
CA ALA A 68 3.53 -3.03 9.18
C ALA A 68 3.42 -4.55 9.26
N ASN A 69 2.20 -5.07 9.18
CA ASN A 69 1.94 -6.51 9.27
C ASN A 69 2.38 -7.26 8.02
N ALA A 70 2.14 -6.67 6.85
CA ALA A 70 2.60 -7.25 5.62
C ALA A 70 4.11 -7.46 5.69
N ILE A 71 4.82 -6.46 6.19
CA ILE A 71 6.28 -6.52 6.25
C ILE A 71 6.76 -7.56 7.27
N PHE A 72 6.13 -7.58 8.44
CA PHE A 72 6.50 -8.50 9.50
C PHE A 72 6.16 -9.93 9.12
N ASN A 73 4.96 -10.14 8.58
CA ASN A 73 4.56 -11.47 8.12
C ASN A 73 5.49 -12.04 7.06
N ARG A 74 6.01 -11.20 6.16
CA ARG A 74 6.97 -11.72 5.17
C ARG A 74 8.28 -12.13 5.86
N PHE A 75 8.64 -11.41 6.91
CA PHE A 75 9.88 -11.69 7.63
C PHE A 75 9.80 -13.00 8.41
N LYS A 76 8.73 -13.17 9.19
CA LYS A 76 8.57 -14.40 9.94
C LYS A 76 8.43 -15.62 9.02
N SER A 77 8.20 -15.36 7.73
CA SER A 77 7.99 -16.43 6.76
C SER A 77 9.26 -16.83 6.01
N ILE A 78 10.38 -16.25 6.37
CA ILE A 78 11.61 -16.57 5.64
C ILE A 78 12.56 -17.34 6.52
N SER A 79 12.10 -18.41 7.18
CA SER A 79 12.99 -19.02 8.16
C SER A 79 12.69 -20.41 8.72
N ASN A 80 13.77 -21.02 9.19
CA ASN A 80 13.78 -22.14 10.15
C ASN A 80 12.50 -22.91 10.39
N ASN A 81 12.08 -23.70 9.41
CA ASN A 81 10.91 -24.55 9.57
C ASN A 81 9.71 -23.74 10.07
N GLY A 82 9.43 -22.64 9.39
CA GLY A 82 8.31 -21.78 9.74
C GLY A 82 8.56 -20.95 10.98
N GLN A 83 9.51 -21.39 11.80
CA GLN A 83 9.86 -20.68 13.03
C GLN A 83 10.41 -19.28 12.74
N PHE A 84 10.32 -18.40 13.71
CA PHE A 84 10.89 -17.07 13.61
C PHE A 84 12.41 -17.17 13.45
N PRO A 85 12.99 -16.32 12.59
CA PRO A 85 14.45 -16.38 12.41
C PRO A 85 15.17 -16.17 13.74
N THR A 86 16.15 -17.02 14.02
CA THR A 86 16.97 -16.88 15.21
C THR A 86 17.88 -15.66 15.06
N PRO A 87 18.46 -15.20 16.17
CA PRO A 87 19.42 -14.10 16.12
C PRO A 87 20.61 -14.41 15.21
N GLU A 88 21.11 -15.65 15.28
CA GLU A 88 22.23 -16.07 14.44
C GLU A 88 21.86 -15.93 12.96
N GLU A 89 20.72 -16.49 12.59
CA GLU A 89 20.22 -16.37 11.21
C GLU A 89 20.14 -14.93 10.75
N ILE A 90 19.55 -14.07 11.59
CA ILE A 90 19.38 -12.66 11.23
C ILE A 90 20.73 -11.98 10.98
N ARG A 91 21.67 -12.17 11.91
CA ARG A 91 22.99 -11.56 11.76
C ARG A 91 23.65 -12.00 10.47
N ASP A 92 23.37 -13.24 10.05
CA ASP A 92 24.07 -13.84 8.91
C ASP A 92 23.30 -13.60 7.62
N MET A 93 22.06 -13.15 7.75
CA MET A 93 21.11 -13.10 6.65
C MET A 93 21.46 -12.07 5.58
N ASP A 94 21.32 -12.46 4.31
CA ASP A 94 21.59 -11.56 3.19
C ASP A 94 20.73 -10.30 3.26
N PHE A 95 21.35 -9.14 3.04
CA PHE A 95 20.62 -7.87 3.13
C PHE A 95 19.50 -7.82 2.11
N GLU A 96 19.74 -8.39 0.93
CA GLU A 96 18.78 -8.34 -0.17
C GLU A 96 17.41 -8.88 0.24
N ILE A 97 17.39 -9.99 0.98
CA ILE A 97 16.11 -10.64 1.30
C ILE A 97 15.37 -9.92 2.45
N MET A 98 16.09 -9.10 3.21
CA MET A 98 15.42 -8.30 4.22
C MET A 98 14.84 -7.07 3.55
N ARG A 99 15.46 -6.65 2.45
CA ARG A 99 14.99 -5.51 1.71
C ARG A 99 13.73 -5.89 0.94
N ALA A 100 13.63 -7.17 0.58
CA ALA A 100 12.48 -7.70 -0.13
C ALA A 100 11.27 -7.82 0.79
N CYS A 101 11.53 -8.03 2.08
CA CYS A 101 10.47 -8.06 3.07
C CYS A 101 9.80 -6.69 3.16
N GLY A 102 10.56 -5.64 2.87
CA GLY A 102 10.03 -4.30 2.90
C GLY A 102 10.69 -3.38 3.91
N PHE A 103 11.73 -3.86 4.58
CA PHE A 103 12.43 -3.05 5.58
C PHE A 103 13.33 -2.02 4.91
N SER A 104 13.28 -0.78 5.39
CA SER A 104 14.23 0.23 4.89
C SER A 104 15.67 -0.17 5.20
N ALA A 105 16.61 0.60 4.67
CA ALA A 105 18.02 0.39 4.94
C ALA A 105 18.32 0.60 6.42
N ARG A 106 17.85 1.70 6.96
CA ARG A 106 18.00 1.96 8.39
C ARG A 106 17.42 0.81 9.22
N LYS A 107 16.22 0.35 8.85
CA LYS A 107 15.55 -0.67 9.65
C LYS A 107 16.26 -2.02 9.57
N ILE A 108 16.89 -2.29 8.44
CA ILE A 108 17.66 -3.51 8.30
C ILE A 108 18.85 -3.47 9.25
N ASP A 109 19.55 -2.33 9.28
CA ASP A 109 20.63 -2.13 10.24
C ASP A 109 20.17 -2.38 11.69
N SER A 110 19.03 -1.79 12.06
CA SER A 110 18.47 -2.00 13.39
C SER A 110 18.25 -3.49 13.69
N LEU A 111 17.61 -4.17 12.74
CA LEU A 111 17.40 -5.61 12.82
C LEU A 111 18.71 -6.35 13.11
N LYS A 112 19.77 -5.99 12.40
CA LYS A 112 21.07 -6.61 12.64
C LYS A 112 21.64 -6.24 14.01
N SER A 113 21.47 -4.99 14.43
CA SER A 113 21.88 -4.58 15.77
C SER A 113 21.14 -5.37 16.83
N ILE A 114 19.84 -5.55 16.62
CA ILE A 114 19.04 -6.34 17.55
C ILE A 114 19.56 -7.77 17.64
N ALA A 115 19.85 -8.38 16.49
CA ALA A 115 20.47 -9.72 16.46
C ALA A 115 21.77 -9.77 17.26
N GLU A 116 22.61 -8.77 17.12
CA GLU A 116 23.86 -8.79 17.83
C GLU A 116 23.67 -8.51 19.32
N ALA A 117 22.72 -7.62 19.64
CA ALA A 117 22.49 -7.33 21.05
C ALA A 117 21.86 -8.52 21.76
N THR A 118 21.11 -9.33 21.01
CA THR A 118 20.49 -10.52 21.58
C THR A 118 21.53 -11.63 21.80
N ILE A 119 22.40 -11.82 20.82
CA ILE A 119 23.49 -12.76 20.94
C ILE A 119 24.42 -12.39 22.11
N SER A 120 24.63 -11.09 22.31
CA SER A 120 25.52 -10.63 23.37
C SER A 120 24.87 -10.60 24.74
N GLY A 121 23.55 -10.46 24.78
CA GLY A 121 22.85 -10.43 26.06
C GLY A 121 22.39 -9.03 26.47
N LEU A 122 22.80 -8.03 25.71
CA LEU A 122 22.29 -6.67 25.89
C LEU A 122 20.77 -6.66 25.80
N ILE A 123 20.22 -7.42 24.85
CA ILE A 123 18.80 -7.71 24.83
C ILE A 123 18.67 -9.05 25.53
N PRO A 124 17.92 -9.09 26.63
CA PRO A 124 17.95 -10.28 27.47
C PRO A 124 16.91 -11.28 27.00
N THR A 125 16.96 -12.48 27.55
CA THR A 125 15.90 -13.46 27.35
C THR A 125 14.64 -12.96 28.05
N LYS A 126 13.52 -13.57 27.70
CA LYS A 126 12.26 -13.29 28.36
C LYS A 126 12.41 -13.36 29.89
N GLU A 127 12.98 -14.47 30.36
CA GLU A 127 13.12 -14.72 31.78
C GLU A 127 13.92 -13.62 32.49
N GLU A 128 14.94 -13.11 31.82
CA GLU A 128 15.75 -12.05 32.41
C GLU A 128 15.03 -10.71 32.37
N ALA A 129 14.44 -10.39 31.22
CA ALA A 129 13.79 -9.10 31.03
C ALA A 129 12.71 -8.88 32.08
N GLU A 130 12.07 -9.96 32.50
CA GLU A 130 10.94 -9.90 33.41
C GLU A 130 11.34 -9.38 34.79
N ARG A 131 12.63 -9.33 35.06
CA ARG A 131 13.12 -8.93 36.37
C ARG A 131 13.50 -7.45 36.40
N LEU A 132 13.56 -6.84 35.23
CA LEU A 132 14.01 -5.46 35.13
C LEU A 132 12.82 -4.51 35.16
N SER A 133 13.04 -3.31 35.70
CA SER A 133 12.01 -2.28 35.75
C SER A 133 11.76 -1.69 34.37
N ASN A 134 10.58 -1.11 34.18
CA ASN A 134 10.28 -0.44 32.90
C ASN A 134 11.41 0.52 32.55
N GLU A 135 11.86 1.25 33.56
CA GLU A 135 12.82 2.33 33.40
C GLU A 135 14.17 1.80 32.89
N GLU A 136 14.59 0.68 33.46
CA GLU A 136 15.84 0.04 33.11
C GLU A 136 15.82 -0.52 31.70
N LEU A 137 14.68 -1.10 31.32
CA LEU A 137 14.55 -1.65 29.98
C LEU A 137 14.64 -0.54 28.96
N ILE A 138 13.98 0.58 29.26
CA ILE A 138 13.99 1.65 28.30
C ILE A 138 15.40 2.19 28.12
N GLU A 139 16.09 2.42 29.24
CA GLU A 139 17.40 3.06 29.16
C GLU A 139 18.38 2.13 28.46
N ARG A 140 18.29 0.86 28.80
CA ARG A 140 19.17 -0.16 28.26
C ARG A 140 18.91 -0.42 26.79
N LEU A 141 17.65 -0.59 26.42
CA LEU A 141 17.33 -0.96 25.03
C LEU A 141 17.41 0.19 24.03
N THR A 142 17.11 1.40 24.47
CA THR A 142 17.26 2.54 23.56
C THR A 142 18.75 2.88 23.30
N GLN A 143 19.69 2.10 23.83
CA GLN A 143 21.09 2.27 23.40
C GLN A 143 21.26 1.81 21.97
N ILE A 144 20.40 0.88 21.54
CA ILE A 144 20.47 0.32 20.20
C ILE A 144 19.89 1.30 19.17
N LYS A 145 20.61 1.50 18.08
CA LYS A 145 20.21 2.47 17.07
C LYS A 145 19.06 1.92 16.26
N GLY A 146 17.92 2.61 16.32
CA GLY A 146 16.71 2.21 15.63
C GLY A 146 15.62 1.93 16.64
N ILE A 147 16.03 1.88 17.90
CA ILE A 147 15.10 1.63 18.97
C ILE A 147 14.91 2.84 19.86
N GLY A 148 13.73 3.47 19.79
CA GLY A 148 13.44 4.59 20.68
C GLY A 148 12.58 4.16 21.85
N ARG A 149 12.04 5.14 22.57
CA ARG A 149 11.21 4.89 23.74
C ARG A 149 9.94 4.14 23.38
N TRP A 150 9.31 4.59 22.30
CA TRP A 150 8.05 4.03 21.86
C TRP A 150 8.23 2.54 21.58
N THR A 151 9.34 2.21 20.94
CA THR A 151 9.63 0.84 20.55
C THR A 151 9.75 -0.05 21.80
N VAL A 152 10.42 0.43 22.83
CA VAL A 152 10.53 -0.33 24.07
C VAL A 152 9.19 -0.43 24.80
N GLU A 153 8.42 0.64 24.71
CA GLU A 153 7.09 0.65 25.28
C GLU A 153 6.21 -0.41 24.63
N MET A 154 6.37 -0.64 23.32
CA MET A 154 5.59 -1.70 22.70
C MET A 154 5.98 -3.05 23.32
N LEU A 155 7.27 -3.22 23.59
CA LEU A 155 7.76 -4.43 24.24
C LEU A 155 7.18 -4.58 25.65
N LEU A 156 7.24 -3.50 26.42
CA LEU A 156 6.63 -3.50 27.75
C LEU A 156 5.15 -3.93 27.67
N ILE A 157 4.41 -3.36 26.74
CA ILE A 157 2.99 -3.67 26.62
C ILE A 157 2.71 -5.08 26.06
N PHE A 158 3.25 -5.38 24.87
CA PHE A 158 2.84 -6.59 24.18
C PHE A 158 3.56 -7.84 24.63
N SER A 159 4.69 -7.68 25.29
CA SER A 159 5.45 -8.87 25.63
C SER A 159 5.73 -9.09 27.10
N LEU A 160 5.81 -8.02 27.89
CA LEU A 160 6.21 -8.21 29.29
C LEU A 160 5.12 -7.89 30.29
N ASN A 161 3.90 -7.76 29.79
CA ASN A 161 2.75 -7.66 30.68
C ASN A 161 2.85 -6.50 31.66
N ARG A 162 3.39 -5.37 31.20
CA ARG A 162 3.48 -4.19 32.05
C ARG A 162 2.16 -3.42 31.94
N ASP A 163 1.52 -3.15 33.08
CA ASP A 163 0.12 -2.68 33.05
C ASP A 163 -0.06 -1.17 33.17
N ASP A 164 1.03 -0.43 33.31
CA ASP A 164 0.89 1.01 33.57
C ASP A 164 1.74 1.82 32.61
N VAL A 165 1.61 1.52 31.32
CA VAL A 165 2.41 2.12 30.27
C VAL A 165 1.57 2.91 29.28
N MET A 166 1.77 4.22 29.21
CA MET A 166 1.12 5.03 28.17
C MET A 166 2.17 5.59 27.20
N PRO A 167 2.16 5.08 25.95
CA PRO A 167 3.09 5.55 24.90
C PRO A 167 2.58 6.86 24.29
N ALA A 168 2.91 7.97 24.93
CA ALA A 168 2.43 9.29 24.52
C ALA A 168 2.79 9.67 23.09
N ASP A 169 3.98 9.30 22.63
CA ASP A 169 4.44 9.57 21.27
C ASP A 169 3.65 8.84 20.16
N ASP A 170 2.82 7.88 20.54
CA ASP A 170 2.05 7.08 19.58
C ASP A 170 1.01 7.89 18.82
N LEU A 171 1.12 7.92 17.50
CA LEU A 171 0.19 8.68 16.68
C LEU A 171 -1.27 8.28 16.93
N SER A 172 -1.55 6.98 17.05
CA SER A 172 -2.91 6.53 17.29
C SER A 172 -3.39 6.81 18.71
N ILE A 173 -2.47 6.89 19.66
CA ILE A 173 -2.85 7.27 21.02
C ILE A 173 -3.33 8.73 21.02
N ARG A 174 -2.61 9.57 20.30
CA ARG A 174 -3.00 10.98 20.21
C ARG A 174 -4.34 11.16 19.50
N ASN A 175 -4.54 10.47 18.37
CA ASN A 175 -5.86 10.44 17.72
C ASN A 175 -6.94 9.86 18.63
N GLY A 176 -6.54 9.02 19.57
CA GLY A 176 -7.46 8.53 20.58
C GLY A 176 -7.98 9.68 21.45
N TYR A 177 -7.09 10.57 21.86
CA TYR A 177 -7.47 11.69 22.71
C TYR A 177 -8.20 12.76 21.91
N ARG A 178 -7.85 12.88 20.64
CA ARG A 178 -8.60 13.75 19.75
C ARG A 178 -10.05 13.30 19.74
N TYR A 179 -10.27 11.98 19.65
CA TYR A 179 -11.61 11.43 19.73
C TYR A 179 -12.19 11.63 21.13
N LEU A 180 -11.53 11.07 22.14
CA LEU A 180 -12.04 11.07 23.50
C LEU A 180 -12.44 12.45 23.98
N HIS A 181 -11.62 13.45 23.66
CA HIS A 181 -11.88 14.82 24.11
C HIS A 181 -12.49 15.72 23.03
N ARG A 182 -13.04 15.09 21.99
CA ARG A 182 -13.67 15.82 20.89
C ARG A 182 -12.83 17.01 20.42
N LEU A 183 -11.52 16.83 20.38
CA LEU A 183 -10.61 17.89 19.94
C LEU A 183 -10.74 18.18 18.46
N PRO A 184 -10.51 19.45 18.08
CA PRO A 184 -10.45 19.81 16.67
C PRO A 184 -9.26 19.15 15.99
N LYS A 185 -8.06 19.62 16.32
CA LYS A 185 -6.84 19.05 15.77
C LYS A 185 -6.30 17.95 16.69
N ILE A 186 -5.17 17.33 16.30
CA ILE A 186 -4.60 16.22 17.08
C ILE A 186 -3.61 16.69 18.16
N PRO A 187 -3.79 16.21 19.41
CA PRO A 187 -3.04 16.71 20.56
C PRO A 187 -1.56 16.35 20.52
N THR A 188 -0.79 16.96 21.41
CA THR A 188 0.65 16.76 21.47
C THR A 188 1.01 15.64 22.43
N LYS A 189 2.25 15.19 22.34
CA LYS A 189 2.79 14.23 23.29
C LYS A 189 2.57 14.71 24.73
N MET A 190 2.91 15.98 24.99
CA MET A 190 2.83 16.53 26.34
C MET A 190 1.38 16.57 26.84
N TYR A 191 0.46 16.85 25.93
CA TYR A 191 -0.95 16.87 26.28
C TYR A 191 -1.37 15.48 26.74
N VAL A 192 -1.00 14.47 25.96
CA VAL A 192 -1.33 13.10 26.29
C VAL A 192 -0.69 12.75 27.62
N LEU A 193 0.54 13.22 27.82
CA LEU A 193 1.24 13.01 29.09
C LEU A 193 0.49 13.60 30.28
N LYS A 194 0.01 14.82 30.12
CA LYS A 194 -0.74 15.51 31.17
C LYS A 194 -2.04 14.78 31.51
N HIS A 195 -2.82 14.45 30.48
CA HIS A 195 -4.18 13.95 30.71
C HIS A 195 -4.28 12.48 31.10
N SER A 196 -3.25 11.69 30.81
CA SER A 196 -3.33 10.24 31.03
C SER A 196 -2.97 9.84 32.45
N GLU A 197 -2.40 10.76 33.21
CA GLU A 197 -2.04 10.48 34.61
C GLU A 197 -3.17 9.87 35.43
N ILE A 198 -4.39 10.37 35.24
CA ILE A 198 -5.55 9.84 35.95
C ILE A 198 -5.79 8.36 35.66
N CYS A 199 -5.23 7.85 34.57
CA CYS A 199 -5.43 6.46 34.20
C CYS A 199 -4.61 5.46 35.03
N ALA A 200 -3.57 5.93 35.72
CA ALA A 200 -2.74 5.03 36.51
C ALA A 200 -3.59 4.42 37.61
N PRO A 201 -3.31 3.16 37.97
CA PRO A 201 -2.15 2.38 37.54
C PRO A 201 -2.53 1.48 36.38
N PHE A 202 -3.45 1.93 35.54
CA PHE A 202 -3.94 1.13 34.43
C PHE A 202 -3.79 1.82 33.09
N ARG A 203 -2.70 2.56 32.88
CA ARG A 203 -2.62 3.24 31.59
C ARG A 203 -2.31 2.35 30.41
N THR A 204 -1.90 1.11 30.65
CA THR A 204 -1.86 0.16 29.55
C THR A 204 -3.30 -0.16 29.06
N ALA A 205 -4.24 -0.37 29.96
CA ALA A 205 -5.61 -0.61 29.47
C ALA A 205 -6.17 0.65 28.82
N ALA A 206 -5.82 1.81 29.36
CA ALA A 206 -6.28 3.07 28.79
C ALA A 206 -5.85 3.16 27.34
N ALA A 207 -4.57 2.85 27.10
CA ALA A 207 -4.01 2.88 25.75
C ALA A 207 -4.77 1.96 24.80
N TRP A 208 -5.12 0.78 25.29
CA TRP A 208 -5.84 -0.19 24.48
C TRP A 208 -7.20 0.39 24.06
N TYR A 209 -7.92 1.02 25.00
CA TYR A 209 -9.17 1.71 24.67
C TYR A 209 -8.96 2.82 23.65
N LEU A 210 -7.90 3.61 23.86
CA LEU A 210 -7.57 4.71 22.96
C LEU A 210 -7.33 4.21 21.53
N TRP A 211 -6.54 3.14 21.41
CA TRP A 211 -6.24 2.52 20.13
C TRP A 211 -7.50 2.00 19.42
N LYS A 212 -8.57 1.77 20.18
CA LYS A 212 -9.82 1.25 19.62
C LYS A 212 -10.70 2.33 19.01
N THR A 213 -10.46 3.58 19.40
CA THR A 213 -11.25 4.69 18.88
C THR A 213 -11.39 4.69 17.35
N SER A 214 -10.31 4.37 16.65
CA SER A 214 -10.26 4.49 15.19
C SER A 214 -11.31 3.61 14.49
N LYS A 215 -11.74 2.55 15.16
CA LYS A 215 -12.73 1.65 14.59
C LYS A 215 -14.18 1.90 15.09
N LEU A 216 -14.40 3.03 15.75
CA LEU A 216 -15.75 3.37 16.19
C LEU A 216 -16.57 4.03 15.07
N ALA A 217 -17.85 3.70 14.96
CA ALA A 217 -18.67 4.32 13.91
C ALA A 217 -18.59 5.83 14.08
N ASP A 218 -18.48 6.24 15.33
CA ASP A 218 -18.29 7.61 15.76
C ASP A 218 -17.04 8.30 15.21
N TYR A 219 -16.04 7.51 14.82
CA TYR A 219 -14.73 8.06 14.46
C TYR A 219 -14.71 8.93 13.20
N THR A 220 -14.10 10.11 13.31
CA THR A 220 -13.97 11.04 12.19
C THR A 220 -12.50 11.34 11.95
N LYS A 221 -12.05 11.18 10.70
CA LYS A 221 -10.66 11.40 10.35
C LYS A 221 -10.33 12.89 10.20
N THR D 16 3.28 -13.54 -5.55
CA THR D 16 2.18 -13.92 -6.44
C THR D 16 2.64 -15.02 -7.37
N LYS D 17 1.68 -15.78 -7.89
CA LYS D 17 1.94 -16.76 -8.91
C LYS D 17 2.57 -16.12 -10.15
N ALA D 18 2.31 -14.83 -10.35
CA ALA D 18 2.77 -14.11 -11.55
C ALA D 18 4.28 -13.84 -11.55
N GLU D 19 4.77 -13.28 -10.45
CA GLU D 19 6.20 -13.02 -10.28
C GLU D 19 6.99 -14.31 -10.42
N ILE D 20 6.44 -15.41 -9.92
CA ILE D 20 7.10 -16.70 -9.97
C ILE D 20 7.24 -17.18 -11.42
N HIS D 21 6.15 -17.07 -12.18
CA HIS D 21 6.18 -17.46 -13.58
C HIS D 21 7.14 -16.61 -14.40
N LEU D 22 7.02 -15.28 -14.28
CA LEU D 22 7.89 -14.39 -15.03
C LEU D 22 9.36 -14.53 -14.61
N SER D 23 9.58 -14.68 -13.31
CA SER D 23 10.95 -14.75 -12.80
C SER D 23 11.64 -15.98 -13.36
N GLY D 24 10.88 -17.05 -13.59
CA GLY D 24 11.47 -18.30 -14.02
C GLY D 24 11.55 -18.46 -15.52
N LEU D 25 11.19 -17.41 -16.25
CA LEU D 25 11.22 -17.49 -17.70
C LEU D 25 12.66 -17.50 -18.24
N ASP D 26 13.46 -16.59 -17.70
CA ASP D 26 14.63 -16.10 -18.38
C ASP D 26 15.53 -15.51 -17.31
N GLU D 27 16.82 -15.40 -17.61
CA GLU D 27 17.75 -14.67 -16.73
C GLU D 27 17.44 -13.16 -16.75
N ASN D 28 17.05 -12.63 -17.90
CA ASN D 28 16.68 -11.22 -18.03
C ASN D 28 15.43 -10.88 -17.22
N TRP D 29 14.41 -11.74 -17.36
CA TRP D 29 13.18 -11.62 -16.60
C TRP D 29 13.39 -11.76 -15.10
N LYS D 30 14.17 -12.76 -14.69
CA LYS D 30 14.42 -12.96 -13.26
C LYS D 30 15.06 -11.72 -12.67
N ARG D 31 15.98 -11.15 -13.43
CA ARG D 31 16.64 -9.91 -13.03
C ARG D 31 15.65 -8.75 -12.99
N LEU D 32 14.83 -8.64 -14.02
CA LEU D 32 13.86 -7.55 -14.09
C LEU D 32 12.98 -7.57 -12.85
N VAL D 33 12.39 -8.75 -12.61
CA VAL D 33 11.45 -8.95 -11.52
C VAL D 33 12.07 -8.65 -10.17
N LYS D 34 13.34 -9.03 -10.02
CA LYS D 34 14.07 -8.80 -8.78
C LYS D 34 14.36 -7.32 -8.63
N LEU D 35 14.69 -6.68 -9.75
CA LEU D 35 15.02 -5.26 -9.76
C LEU D 35 13.80 -4.38 -9.41
N VAL D 36 12.62 -4.65 -9.97
CA VAL D 36 11.48 -3.80 -9.65
C VAL D 36 10.75 -4.29 -8.40
N GLY D 37 10.80 -5.58 -8.14
CA GLY D 37 10.24 -6.13 -6.92
C GLY D 37 8.85 -6.70 -7.07
N ASN D 38 8.02 -6.50 -6.05
CA ASN D 38 6.71 -7.13 -5.99
C ASN D 38 5.70 -6.55 -6.97
N TYR D 39 4.92 -7.42 -7.59
CA TYR D 39 3.88 -6.98 -8.52
C TYR D 39 2.84 -6.20 -7.73
N ARG D 40 2.73 -4.91 -8.03
CA ARG D 40 1.82 -4.02 -7.33
C ARG D 40 1.10 -3.08 -8.31
N PRO D 41 0.05 -3.59 -8.96
CA PRO D 41 -0.66 -2.85 -10.02
C PRO D 41 -1.28 -1.51 -9.53
N ASN D 42 -1.43 -0.56 -10.44
CA ASN D 42 -2.18 0.66 -10.14
C ASN D 42 -3.68 0.33 -10.11
N ARG D 43 -4.34 0.56 -8.98
CA ARG D 43 -5.76 0.26 -8.86
C ARG D 43 -6.66 1.47 -8.68
N SER D 44 -6.20 2.65 -9.09
CA SER D 44 -7.01 3.85 -8.95
C SER D 44 -8.30 3.77 -9.77
N MET D 45 -8.36 2.86 -10.75
CA MET D 45 -9.50 2.83 -11.67
C MET D 45 -10.35 1.56 -11.55
N GLU D 46 -9.96 0.68 -10.63
CA GLU D 46 -10.58 -0.64 -10.49
C GLU D 46 -12.09 -0.64 -10.18
N LYS D 47 -12.61 0.42 -9.59
CA LYS D 47 -14.03 0.45 -9.25
C LYS D 47 -14.82 1.41 -10.14
N LYS D 48 -14.17 1.90 -11.19
CA LYS D 48 -14.73 2.93 -12.05
C LYS D 48 -15.56 2.33 -13.18
N GLU D 49 -16.46 3.14 -13.73
CA GLU D 49 -17.24 2.71 -14.90
C GLU D 49 -16.38 2.75 -16.17
N PRO D 50 -16.62 1.81 -17.09
CA PRO D 50 -15.91 1.76 -18.37
C PRO D 50 -15.77 3.11 -19.07
N TYR D 51 -16.79 3.95 -19.11
CA TYR D 51 -16.68 5.18 -19.90
C TYR D 51 -15.58 6.09 -19.37
N GLU D 52 -15.33 6.00 -18.07
CA GLU D 52 -14.41 6.87 -17.38
C GLU D 52 -12.96 6.43 -17.58
N GLU D 53 -12.70 5.14 -17.39
CA GLU D 53 -11.40 4.58 -17.74
C GLU D 53 -11.10 4.78 -19.23
N LEU D 54 -12.10 4.55 -20.08
CA LEU D 54 -11.93 4.79 -21.52
C LEU D 54 -11.46 6.22 -21.80
N ILE D 55 -12.02 7.20 -21.10
CA ILE D 55 -11.60 8.58 -21.29
C ILE D 55 -10.19 8.83 -20.76
N ARG D 56 -9.81 8.12 -19.69
CA ARG D 56 -8.45 8.23 -19.21
C ARG D 56 -7.45 7.70 -20.25
N ALA D 57 -7.78 6.56 -20.86
CA ALA D 57 -6.96 5.95 -21.92
C ALA D 57 -6.83 6.92 -23.07
N VAL D 58 -7.96 7.50 -23.50
CA VAL D 58 -7.93 8.49 -24.57
C VAL D 58 -6.96 9.64 -24.24
N ALA D 59 -6.93 10.07 -22.99
CA ALA D 59 -6.08 11.18 -22.58
C ALA D 59 -4.62 10.74 -22.62
N SER D 60 -4.40 9.45 -22.46
CA SER D 60 -3.07 8.91 -22.36
C SER D 60 -2.54 8.43 -23.72
N GLN D 61 -3.35 8.54 -24.77
CA GLN D 61 -2.87 8.19 -26.11
C GLN D 61 -1.70 9.08 -26.50
N GLN D 62 -0.63 8.45 -26.99
CA GLN D 62 0.48 9.17 -27.59
C GLN D 62 1.42 9.92 -26.61
N LEU D 63 0.86 10.82 -25.78
CA LEU D 63 1.65 11.68 -24.90
C LEU D 63 2.37 10.94 -23.77
N HIS D 64 3.43 11.55 -23.24
CA HIS D 64 4.08 11.04 -22.04
C HIS D 64 3.16 11.21 -20.82
N SER D 65 3.33 10.36 -19.81
CA SER D 65 2.46 10.32 -18.65
C SER D 65 2.12 11.66 -18.04
N LYS D 66 3.12 12.51 -17.87
CA LYS D 66 2.91 13.76 -17.16
C LYS D 66 1.91 14.64 -17.91
N ALA D 67 1.99 14.62 -19.23
CA ALA D 67 1.04 15.40 -20.02
C ALA D 67 -0.34 14.74 -19.97
N ALA D 68 -0.39 13.42 -20.12
CA ALA D 68 -1.67 12.73 -20.13
C ALA D 68 -2.43 12.98 -18.82
N ASN D 69 -1.75 12.83 -17.69
CA ASN D 69 -2.34 13.04 -16.38
C ASN D 69 -2.72 14.49 -16.12
N ALA D 70 -1.89 15.43 -16.57
CA ALA D 70 -2.25 16.84 -16.41
C ALA D 70 -3.58 17.12 -17.13
N ILE D 71 -3.71 16.59 -18.34
CA ILE D 71 -4.91 16.82 -19.15
C ILE D 71 -6.13 16.18 -18.47
N PHE D 72 -5.99 14.92 -18.09
CA PHE D 72 -7.06 14.16 -17.44
C PHE D 72 -7.42 14.75 -16.08
N ASN D 73 -6.45 15.30 -15.38
CA ASN D 73 -6.74 15.90 -14.07
C ASN D 73 -7.53 17.19 -14.16
N ARG D 74 -7.34 17.94 -15.25
CA ARG D 74 -8.16 19.14 -15.47
C ARG D 74 -9.58 18.77 -15.88
N PHE D 75 -9.72 17.71 -16.65
CA PHE D 75 -11.02 17.29 -17.11
C PHE D 75 -11.88 16.74 -15.97
N LYS D 76 -11.28 15.97 -15.07
CA LYS D 76 -12.07 15.37 -14.01
C LYS D 76 -12.39 16.36 -12.88
N SER D 77 -11.85 17.57 -12.99
CA SER D 77 -12.10 18.61 -12.00
C SER D 77 -13.04 19.67 -12.57
N ILE D 78 -13.67 19.34 -13.70
CA ILE D 78 -14.61 20.23 -14.35
C ILE D 78 -15.90 20.38 -13.55
N SER D 79 -16.39 19.27 -13.00
CA SER D 79 -17.65 19.28 -12.26
C SER D 79 -17.54 20.04 -10.93
N ASN D 80 -18.59 20.81 -10.63
CA ASN D 80 -18.65 21.60 -9.40
C ASN D 80 -18.69 20.74 -8.14
N ASN D 81 -19.32 19.58 -8.25
CA ASN D 81 -19.48 18.68 -7.10
C ASN D 81 -18.34 17.68 -6.93
N GLY D 82 -17.22 17.93 -7.60
CA GLY D 82 -16.04 17.09 -7.45
C GLY D 82 -16.25 15.67 -7.94
N GLN D 83 -17.30 15.48 -8.74
CA GLN D 83 -17.59 14.15 -9.29
C GLN D 83 -17.17 14.13 -10.76
N PHE D 84 -16.74 12.96 -11.22
CA PHE D 84 -16.35 12.83 -12.62
C PHE D 84 -17.53 13.17 -13.52
N PRO D 85 -17.30 13.93 -14.61
CA PRO D 85 -18.41 14.28 -15.52
C PRO D 85 -19.20 13.05 -15.98
N THR D 86 -20.52 13.14 -15.85
CA THR D 86 -21.40 12.09 -16.33
C THR D 86 -21.37 12.11 -17.83
N PRO D 87 -21.89 11.05 -18.46
CA PRO D 87 -21.96 11.01 -19.93
C PRO D 87 -22.86 12.09 -20.51
N GLU D 88 -24.00 12.36 -19.89
CA GLU D 88 -24.89 13.43 -20.35
C GLU D 88 -24.24 14.81 -20.20
N GLU D 89 -23.51 15.04 -19.11
CA GLU D 89 -22.74 16.27 -19.00
C GLU D 89 -21.69 16.38 -20.11
N ILE D 90 -21.02 15.28 -20.42
CA ILE D 90 -20.02 15.32 -21.50
C ILE D 90 -20.68 15.60 -22.85
N ARG D 91 -21.83 14.98 -23.12
CA ARG D 91 -22.51 15.20 -24.40
C ARG D 91 -22.86 16.68 -24.58
N ASP D 92 -23.11 17.36 -23.48
CA ASP D 92 -23.62 18.72 -23.53
C ASP D 92 -22.52 19.76 -23.30
N MET D 93 -21.34 19.28 -22.97
CA MET D 93 -20.22 20.16 -22.62
C MET D 93 -19.78 21.04 -23.80
N ASP D 94 -19.29 22.23 -23.50
CA ASP D 94 -18.83 23.16 -24.53
C ASP D 94 -17.47 22.72 -25.03
N PHE D 95 -17.29 22.77 -26.35
CA PHE D 95 -16.05 22.38 -26.98
C PHE D 95 -14.85 23.11 -26.35
N GLU D 96 -15.06 24.40 -26.08
CA GLU D 96 -14.03 25.27 -25.55
C GLU D 96 -13.54 24.82 -24.18
N ILE D 97 -14.45 24.35 -23.35
CA ILE D 97 -14.08 23.86 -22.03
C ILE D 97 -13.16 22.62 -22.11
N MET D 98 -13.42 21.74 -23.06
CA MET D 98 -12.61 20.53 -23.21
C MET D 98 -11.25 20.88 -23.80
N ARG D 99 -11.26 21.77 -24.79
CA ARG D 99 -10.04 22.29 -25.38
C ARG D 99 -9.14 22.90 -24.30
N ALA D 100 -9.75 23.60 -23.35
CA ALA D 100 -9.04 24.20 -22.23
C ALA D 100 -8.35 23.16 -21.34
N CYS D 101 -8.90 21.96 -21.27
CA CYS D 101 -8.23 20.89 -20.54
C CYS D 101 -6.95 20.48 -21.26
N GLY D 102 -6.92 20.68 -22.57
CA GLY D 102 -5.76 20.31 -23.36
C GLY D 102 -6.01 19.21 -24.38
N PHE D 103 -7.27 18.78 -24.51
CA PHE D 103 -7.60 17.79 -25.54
C PHE D 103 -7.48 18.39 -26.93
N SER D 104 -6.96 17.61 -27.86
CA SER D 104 -6.95 18.01 -29.25
C SER D 104 -8.37 17.84 -29.79
N ALA D 105 -8.65 18.45 -30.94
CA ALA D 105 -9.99 18.41 -31.54
C ALA D 105 -10.46 16.99 -31.80
N ARG D 106 -9.59 16.17 -32.38
CA ARG D 106 -9.94 14.81 -32.67
C ARG D 106 -10.26 14.04 -31.38
N LYS D 107 -9.51 14.28 -30.32
CA LYS D 107 -9.81 13.64 -29.04
C LYS D 107 -11.11 14.17 -28.44
N ILE D 108 -11.41 15.44 -28.68
CA ILE D 108 -12.67 15.99 -28.20
C ILE D 108 -13.86 15.27 -28.84
N ASP D 109 -13.75 15.00 -30.15
CA ASP D 109 -14.73 14.17 -30.85
C ASP D 109 -14.81 12.79 -30.22
N SER D 110 -13.66 12.25 -29.84
CA SER D 110 -13.64 10.94 -29.20
C SER D 110 -14.41 10.94 -27.89
N LEU D 111 -14.20 11.95 -27.07
CA LEU D 111 -14.95 12.06 -25.83
C LEU D 111 -16.48 12.13 -26.10
N LYS D 112 -16.87 12.89 -27.11
CA LYS D 112 -18.26 13.00 -27.49
C LYS D 112 -18.88 11.66 -27.88
N SER D 113 -18.14 10.89 -28.68
CA SER D 113 -18.57 9.57 -29.09
C SER D 113 -18.64 8.62 -27.92
N ILE D 114 -17.71 8.76 -26.98
CA ILE D 114 -17.72 7.90 -25.80
C ILE D 114 -18.98 8.23 -24.99
N ALA D 115 -19.31 9.51 -24.89
CA ALA D 115 -20.48 9.92 -24.14
C ALA D 115 -21.74 9.33 -24.79
N GLU D 116 -21.86 9.49 -26.11
CA GLU D 116 -23.00 8.99 -26.87
C GLU D 116 -23.13 7.48 -26.76
N ALA D 117 -22.01 6.80 -26.99
CA ALA D 117 -21.93 5.34 -26.85
C ALA D 117 -22.31 4.86 -25.45
N THR D 118 -22.07 5.67 -24.44
CA THR D 118 -22.45 5.26 -23.09
C THR D 118 -23.96 5.46 -22.87
N ILE D 119 -24.49 6.55 -23.40
CA ILE D 119 -25.93 6.83 -23.25
C ILE D 119 -26.76 5.78 -23.97
N SER D 120 -26.25 5.27 -25.11
CA SER D 120 -26.96 4.26 -25.90
C SER D 120 -26.72 2.81 -25.46
N GLY D 121 -25.71 2.58 -24.61
CA GLY D 121 -25.43 1.22 -24.15
C GLY D 121 -24.36 0.51 -24.97
N LEU D 122 -23.96 1.08 -26.10
CA LEU D 122 -22.82 0.55 -26.86
C LEU D 122 -21.61 0.35 -25.94
N ILE D 123 -21.23 1.39 -25.20
CA ILE D 123 -20.25 1.20 -24.14
C ILE D 123 -21.04 0.74 -22.95
N PRO D 124 -20.69 -0.42 -22.41
CA PRO D 124 -21.56 -0.94 -21.35
C PRO D 124 -21.18 -0.47 -19.96
N THR D 125 -22.10 -0.77 -19.06
CA THR D 125 -21.93 -0.68 -17.63
C THR D 125 -20.76 -1.58 -17.21
N LYS D 126 -20.22 -1.34 -16.02
CA LYS D 126 -19.16 -2.22 -15.51
C LYS D 126 -19.68 -3.63 -15.29
N GLU D 127 -20.81 -3.73 -14.60
CA GLU D 127 -21.38 -5.03 -14.30
C GLU D 127 -21.64 -5.83 -15.57
N GLU D 128 -21.99 -5.14 -16.65
CA GLU D 128 -22.22 -5.80 -17.94
C GLU D 128 -20.91 -6.04 -18.71
N ALA D 129 -20.01 -5.07 -18.67
CA ALA D 129 -18.72 -5.22 -19.30
C ALA D 129 -18.00 -6.44 -18.75
N GLU D 130 -18.06 -6.64 -17.45
CA GLU D 130 -17.37 -7.75 -16.81
C GLU D 130 -17.75 -9.13 -17.34
N ARG D 131 -18.93 -9.23 -17.96
CA ARG D 131 -19.42 -10.51 -18.46
C ARG D 131 -18.83 -10.88 -19.83
N LEU D 132 -18.23 -9.91 -20.52
CA LEU D 132 -17.82 -10.08 -21.91
C LEU D 132 -16.37 -10.52 -22.03
N SER D 133 -16.05 -11.27 -23.08
CA SER D 133 -14.68 -11.71 -23.30
C SER D 133 -13.81 -10.53 -23.72
N ASN D 134 -12.51 -10.71 -23.62
CA ASN D 134 -11.58 -9.69 -24.09
C ASN D 134 -11.80 -9.31 -25.54
N GLU D 135 -11.93 -10.32 -26.40
CA GLU D 135 -12.09 -10.09 -27.85
C GLU D 135 -13.41 -9.40 -28.20
N GLU D 136 -14.47 -9.75 -27.46
CA GLU D 136 -15.75 -9.12 -27.67
C GLU D 136 -15.66 -7.64 -27.35
N LEU D 137 -15.10 -7.33 -26.18
CA LEU D 137 -14.90 -5.95 -25.80
C LEU D 137 -14.06 -5.19 -26.82
N ILE D 138 -13.07 -5.84 -27.40
CA ILE D 138 -12.22 -5.17 -28.39
C ILE D 138 -12.98 -4.96 -29.69
N GLU D 139 -13.67 -5.98 -30.16
CA GLU D 139 -14.41 -5.83 -31.41
C GLU D 139 -15.56 -4.82 -31.26
N ARG D 140 -16.23 -4.88 -30.11
CA ARG D 140 -17.33 -3.98 -29.84
C ARG D 140 -16.93 -2.51 -29.66
N LEU D 141 -15.91 -2.25 -28.85
CA LEU D 141 -15.57 -0.85 -28.52
C LEU D 141 -14.76 -0.14 -29.59
N THR D 142 -13.95 -0.88 -30.36
CA THR D 142 -13.20 -0.26 -31.45
C THR D 142 -14.05 0.16 -32.64
N GLN D 143 -15.35 -0.09 -32.63
CA GLN D 143 -16.17 0.50 -33.68
C GLN D 143 -16.22 2.02 -33.46
N ILE D 144 -16.03 2.45 -32.21
CA ILE D 144 -16.07 3.86 -31.88
C ILE D 144 -14.84 4.61 -32.38
N LYS D 145 -15.05 5.63 -33.22
CA LYS D 145 -13.97 6.42 -33.76
C LYS D 145 -13.15 7.11 -32.66
N GLY D 146 -11.83 6.94 -32.71
CA GLY D 146 -10.96 7.48 -31.68
C GLY D 146 -10.56 6.42 -30.66
N ILE D 147 -11.21 5.26 -30.72
CA ILE D 147 -10.84 4.14 -29.84
C ILE D 147 -10.22 2.97 -30.60
N GLY D 148 -8.92 2.77 -30.45
CA GLY D 148 -8.26 1.62 -31.05
C GLY D 148 -8.12 0.45 -30.09
N ARG D 149 -7.40 -0.56 -30.53
CA ARG D 149 -7.20 -1.77 -29.73
C ARG D 149 -6.45 -1.47 -28.42
N TRP D 150 -5.48 -0.56 -28.51
CA TRP D 150 -4.67 -0.17 -27.35
C TRP D 150 -5.59 0.40 -26.28
N THR D 151 -6.40 1.37 -26.67
CA THR D 151 -7.39 1.98 -25.76
C THR D 151 -8.25 0.93 -25.03
N VAL D 152 -8.77 -0.05 -25.76
CA VAL D 152 -9.54 -1.10 -25.10
C VAL D 152 -8.69 -1.93 -24.13
N GLU D 153 -7.47 -2.24 -24.55
CA GLU D 153 -6.54 -2.98 -23.70
C GLU D 153 -6.25 -2.28 -22.37
N MET D 154 -6.14 -0.95 -22.40
CA MET D 154 -6.04 -0.18 -21.17
C MET D 154 -7.29 -0.41 -20.28
N LEU D 155 -8.47 -0.39 -20.90
CA LEU D 155 -9.70 -0.73 -20.17
C LEU D 155 -9.62 -2.11 -19.54
N LEU D 156 -9.21 -3.12 -20.33
CA LEU D 156 -9.15 -4.48 -19.81
C LEU D 156 -8.18 -4.57 -18.63
N ILE D 157 -7.06 -3.84 -18.71
CA ILE D 157 -6.03 -3.93 -17.67
C ILE D 157 -6.40 -3.12 -16.43
N PHE D 158 -6.79 -1.85 -16.64
CA PHE D 158 -6.94 -0.95 -15.49
C PHE D 158 -8.30 -1.02 -14.80
N SER D 159 -9.32 -1.52 -15.48
CA SER D 159 -10.62 -1.49 -14.85
C SER D 159 -11.40 -2.78 -14.87
N LEU D 160 -11.04 -3.71 -15.75
CA LEU D 160 -11.81 -4.97 -15.80
C LEU D 160 -11.03 -6.15 -15.28
N ASN D 161 -9.91 -5.87 -14.63
CA ASN D 161 -9.17 -6.90 -13.93
C ASN D 161 -8.75 -8.07 -14.84
N ARG D 162 -8.46 -7.80 -16.11
CA ARG D 162 -8.02 -8.90 -16.97
C ARG D 162 -6.50 -9.14 -16.93
N ASP D 163 -6.13 -10.39 -16.65
CA ASP D 163 -4.76 -10.70 -16.24
C ASP D 163 -3.82 -11.20 -17.34
N ASP D 164 -4.32 -11.36 -18.57
CA ASP D 164 -3.45 -11.92 -19.61
C ASP D 164 -3.45 -11.09 -20.88
N VAL D 165 -3.25 -9.78 -20.71
CA VAL D 165 -3.27 -8.78 -21.77
C VAL D 165 -1.90 -8.14 -21.97
N MET D 166 -1.38 -8.19 -23.20
CA MET D 166 -0.12 -7.54 -23.50
C MET D 166 -0.33 -6.54 -24.62
N PRO D 167 -0.29 -5.24 -24.30
CA PRO D 167 -0.54 -4.19 -25.30
C PRO D 167 0.68 -4.01 -26.19
N ALA D 168 0.74 -4.75 -27.29
CA ALA D 168 1.92 -4.78 -28.14
C ALA D 168 2.27 -3.44 -28.78
N ASP D 169 1.25 -2.63 -29.04
CA ASP D 169 1.43 -1.31 -29.66
C ASP D 169 2.01 -0.27 -28.72
N ASP D 170 1.92 -0.55 -27.43
CA ASP D 170 2.28 0.43 -26.43
C ASP D 170 3.77 0.80 -26.58
N LEU D 171 4.05 2.08 -26.81
CA LEU D 171 5.43 2.51 -27.03
C LEU D 171 6.33 2.15 -25.84
N SER D 172 5.83 2.30 -24.63
CA SER D 172 6.67 1.98 -23.49
C SER D 172 6.81 0.47 -23.24
N ILE D 173 5.82 -0.32 -23.66
CA ILE D 173 5.97 -1.78 -23.63
C ILE D 173 7.14 -2.15 -24.53
N ARG D 174 7.21 -1.50 -25.68
CA ARG D 174 8.28 -1.72 -26.63
C ARG D 174 9.66 -1.29 -26.13
N ASN D 175 9.71 -0.17 -25.41
CA ASN D 175 10.96 0.26 -24.80
C ASN D 175 11.31 -0.66 -23.65
N GLY D 176 10.29 -1.35 -23.14
CA GLY D 176 10.50 -2.35 -22.11
C GLY D 176 11.32 -3.48 -22.70
N TYR D 177 10.95 -3.92 -23.90
CA TYR D 177 11.70 -5.00 -24.55
C TYR D 177 13.07 -4.54 -25.04
N ARG D 178 13.15 -3.30 -25.50
CA ARG D 178 14.43 -2.76 -25.91
C ARG D 178 15.39 -2.82 -24.72
N TYR D 179 14.91 -2.48 -23.52
CA TYR D 179 15.69 -2.60 -22.31
C TYR D 179 15.97 -4.06 -21.95
N LEU D 180 14.92 -4.86 -21.92
CA LEU D 180 14.98 -6.24 -21.46
C LEU D 180 15.91 -7.10 -22.33
N HIS D 181 15.87 -6.86 -23.63
CA HIS D 181 16.65 -7.64 -24.60
C HIS D 181 17.87 -6.88 -25.15
N ARG D 182 18.19 -5.74 -24.56
CA ARG D 182 19.31 -4.91 -25.02
C ARG D 182 19.30 -4.72 -26.54
N LEU D 183 18.20 -4.21 -27.07
CA LEU D 183 18.12 -4.01 -28.51
C LEU D 183 18.74 -2.68 -28.89
N PRO D 184 19.15 -2.56 -30.17
CA PRO D 184 19.73 -1.36 -30.75
C PRO D 184 18.68 -0.26 -30.90
N LYS D 185 17.45 -0.67 -31.22
CA LYS D 185 16.39 0.29 -31.47
C LYS D 185 15.07 -0.25 -30.94
N ILE D 186 14.07 0.62 -30.86
CA ILE D 186 12.75 0.23 -30.37
C ILE D 186 12.21 -0.90 -31.24
N PRO D 187 11.92 -2.03 -30.61
CA PRO D 187 11.39 -3.15 -31.39
C PRO D 187 9.99 -2.85 -31.91
N THR D 188 9.50 -3.77 -32.71
CA THR D 188 8.26 -3.61 -33.43
C THR D 188 7.14 -4.32 -32.66
N LYS D 189 5.90 -3.96 -32.96
CA LYS D 189 4.77 -4.58 -32.30
C LYS D 189 4.74 -6.11 -32.52
N MET D 190 5.09 -6.54 -33.73
CA MET D 190 5.18 -7.96 -34.06
C MET D 190 6.23 -8.68 -33.23
N TYR D 191 7.38 -8.04 -33.07
CA TYR D 191 8.43 -8.53 -32.19
C TYR D 191 7.89 -8.80 -30.78
N VAL D 192 7.17 -7.81 -30.24
CA VAL D 192 6.58 -7.94 -28.91
C VAL D 192 5.61 -9.12 -28.82
N LEU D 193 4.74 -9.27 -29.83
CA LEU D 193 3.79 -10.39 -29.86
C LEU D 193 4.51 -11.74 -29.85
N LYS D 194 5.63 -11.83 -30.56
CA LYS D 194 6.40 -13.06 -30.65
C LYS D 194 7.04 -13.44 -29.30
N HIS D 195 7.69 -12.48 -28.67
CA HIS D 195 8.45 -12.76 -27.46
C HIS D 195 7.65 -12.74 -26.15
N SER D 196 6.44 -12.19 -26.16
CA SER D 196 5.70 -12.10 -24.91
C SER D 196 4.72 -13.26 -24.71
N GLU D 197 4.53 -14.09 -25.73
CA GLU D 197 3.65 -15.25 -25.58
C GLU D 197 4.09 -16.14 -24.43
N ILE D 198 5.39 -16.21 -24.21
CA ILE D 198 5.95 -16.98 -23.13
C ILE D 198 5.46 -16.46 -21.77
N CYS D 199 5.01 -15.22 -21.74
CA CYS D 199 4.59 -14.63 -20.47
C CYS D 199 3.19 -15.09 -20.03
N ALA D 200 2.47 -15.76 -20.93
CA ALA D 200 1.13 -16.23 -20.62
C ALA D 200 1.22 -17.26 -19.51
N PRO D 201 0.21 -17.31 -18.63
CA PRO D 201 -1.05 -16.56 -18.63
C PRO D 201 -0.99 -15.27 -17.82
N PHE D 202 0.20 -14.70 -17.66
CA PHE D 202 0.38 -13.51 -16.84
C PHE D 202 0.92 -12.34 -17.62
N ARG D 203 0.39 -12.15 -18.83
CA ARG D 203 0.82 -11.05 -19.68
C ARG D 203 0.54 -9.63 -19.14
N THR D 204 -0.48 -9.48 -18.31
CA THR D 204 -0.76 -8.17 -17.69
C THR D 204 0.33 -7.83 -16.69
N ALA D 205 0.67 -8.79 -15.84
CA ALA D 205 1.75 -8.57 -14.92
C ALA D 205 3.07 -8.29 -15.67
N ALA D 206 3.32 -9.03 -16.74
CA ALA D 206 4.53 -8.81 -17.53
C ALA D 206 4.53 -7.39 -18.07
N ALA D 207 3.37 -6.96 -18.57
CA ALA D 207 3.26 -5.60 -19.08
C ALA D 207 3.67 -4.57 -18.01
N TRP D 208 3.32 -4.85 -16.76
CA TRP D 208 3.56 -3.90 -15.67
C TRP D 208 5.07 -3.77 -15.40
N TYR D 209 5.76 -4.89 -15.33
CA TYR D 209 7.21 -4.88 -15.22
C TYR D 209 7.87 -4.14 -16.37
N LEU D 210 7.42 -4.40 -17.59
CA LEU D 210 7.93 -3.68 -18.75
C LEU D 210 7.70 -2.17 -18.64
N TRP D 211 6.51 -1.77 -18.20
CA TRP D 211 6.24 -0.37 -17.93
C TRP D 211 7.18 0.24 -16.88
N LYS D 212 7.62 -0.58 -15.93
CA LYS D 212 8.53 -0.11 -14.89
C LYS D 212 9.99 0.17 -15.35
N THR D 213 10.38 -0.35 -16.50
CA THR D 213 11.79 -0.30 -16.86
C THR D 213 12.36 1.11 -16.99
N SER D 214 11.54 2.08 -17.41
CA SER D 214 12.04 3.40 -17.75
C SER D 214 12.43 4.21 -16.52
N LYS D 215 12.15 3.67 -15.34
CA LYS D 215 12.51 4.33 -14.10
C LYS D 215 13.74 3.71 -13.44
N LEU D 216 14.15 2.54 -13.94
CA LEU D 216 15.32 1.83 -13.43
C LEU D 216 16.62 2.63 -13.64
N ALA D 217 17.57 2.43 -12.74
CA ALA D 217 18.83 3.19 -12.78
C ALA D 217 19.59 3.05 -14.09
N ASP D 218 19.63 1.84 -14.64
CA ASP D 218 20.43 1.59 -15.84
C ASP D 218 19.66 1.72 -17.15
N TYR D 219 18.47 2.30 -17.09
CA TYR D 219 17.68 2.48 -18.30
C TYR D 219 18.26 3.61 -19.14
N THR D 220 18.51 3.33 -20.41
CA THR D 220 19.02 4.36 -21.31
C THR D 220 17.99 4.72 -22.40
N LYS D 221 17.89 6.00 -22.72
CA LYS D 221 17.13 6.43 -23.88
C LYS D 221 17.98 6.24 -25.13
N PRO D 222 17.35 6.26 -26.32
CA PRO D 222 18.11 6.12 -27.57
C PRO D 222 18.72 7.44 -28.03
#